data_3FMX
#
_entry.id   3FMX
#
_cell.length_a   182.906
_cell.length_b   182.906
_cell.length_c   66.980
_cell.angle_alpha   90.00
_cell.angle_beta   90.00
_cell.angle_gamma   120.00
#
_symmetry.space_group_name_H-M   'P 6 2 2'
#
loop_
_entity.id
_entity.type
_entity.pdbx_description
1 polymer 'Tartrate dehydrogenase/decarboxylase'
2 non-polymer '1,4-DIHYDRONICOTINAMIDE ADENINE DINUCLEOTIDE'
3 non-polymer 'AMMONIUM ION'
4 water water
#
_entity_poly.entity_id   1
_entity_poly.type   'polypeptide(L)'
_entity_poly.pdbx_seq_one_letter_code
;MPAHSFRIAAIPGDGIGLEVLPEGIRVLEAAALKHGLALEFDTFEWASCDYYLQHGKMMPDDWAEQLKQYDAIYFGAVGW
PDKVPDHISLWGSLLKFRREFDQYVNIRPVRLFPGVPCALANRKVGDIDFVVVRENTEGEYSSLGGIMFENTENEIVIQE
SIFTRRGVDRILKYAFDLAEKRERKHVTSATKSNGMAISMPYWDKRTEAMAAHYPHVSWDKQHIDILCARFVLQPERFDV
VVASNLFGDILSDLGPACAGTIGIAPSANLNPERNFPSLFEPVHGSAPDIFGKNIANPIAMIWSGALMLEFLGQGDERYQ
RAHDDMLNAIERVIADGSVTPDMGGTLSTQQVGAAISDTLARLD
;
_entity_poly.pdbx_strand_id   X
#
# COMPACT_ATOMS: atom_id res chain seq x y z
N SER A 5 -6.67 5.50 24.58
CA SER A 5 -7.68 4.48 24.17
C SER A 5 -7.98 4.56 22.67
N PHE A 6 -7.35 3.68 21.88
CA PHE A 6 -7.56 3.63 20.42
C PHE A 6 -8.70 2.69 20.03
N ARG A 7 -9.23 2.90 18.83
CA ARG A 7 -10.22 2.01 18.22
C ARG A 7 -9.82 1.68 16.78
N ILE A 8 -9.71 0.39 16.49
CA ILE A 8 -9.29 -0.09 15.16
C ILE A 8 -10.39 -0.85 14.42
N ALA A 9 -10.61 -0.48 13.16
CA ALA A 9 -11.56 -1.14 12.29
C ALA A 9 -10.86 -2.16 11.39
N ALA A 10 -11.24 -3.43 11.52
CA ALA A 10 -10.63 -4.51 10.73
C ALA A 10 -11.59 -5.10 9.73
N ILE A 11 -11.17 -5.08 8.48
CA ILE A 11 -12.00 -5.55 7.37
C ILE A 11 -11.17 -6.47 6.47
N PRO A 12 -11.47 -7.79 6.52
CA PRO A 12 -10.75 -8.75 5.69
C PRO A 12 -11.15 -8.65 4.22
N GLY A 13 -12.37 -8.19 3.98
CA GLY A 13 -12.85 -8.11 2.60
C GLY A 13 -12.96 -9.47 1.93
N ASP A 14 -12.33 -9.59 0.76
CA ASP A 14 -12.43 -10.78 -0.07
C ASP A 14 -11.22 -11.69 0.01
N GLY A 15 -11.40 -12.90 -0.52
CA GLY A 15 -10.31 -13.86 -0.61
C GLY A 15 -9.39 -13.89 0.59
N ILE A 16 -8.09 -13.82 0.29
CA ILE A 16 -7.03 -14.01 1.27
C ILE A 16 -7.00 -12.91 2.32
N GLY A 17 -7.81 -11.88 2.13
CA GLY A 17 -8.08 -10.93 3.21
C GLY A 17 -8.53 -11.66 4.47
N LEU A 18 -9.56 -12.49 4.35
CA LEU A 18 -10.00 -13.37 5.43
C LEU A 18 -8.82 -14.16 5.96
N GLU A 19 -7.97 -14.62 5.04
CA GLU A 19 -6.84 -15.51 5.34
C GLU A 19 -5.67 -14.83 6.09
N VAL A 20 -5.16 -13.72 5.57
CA VAL A 20 -4.00 -13.07 6.19
C VAL A 20 -4.32 -12.11 7.34
N LEU A 21 -5.59 -11.72 7.47
CA LEU A 21 -6.00 -10.75 8.48
C LEU A 21 -5.88 -11.24 9.92
N PRO A 22 -6.29 -12.51 10.20
CA PRO A 22 -6.21 -12.92 11.61
C PRO A 22 -4.76 -13.05 12.08
N GLU A 23 -3.84 -13.28 11.13
CA GLU A 23 -2.41 -13.34 11.44
C GLU A 23 -1.75 -11.96 11.43
N GLY A 24 -2.47 -10.94 11.01
CA GLY A 24 -2.01 -9.56 11.18
C GLY A 24 -2.37 -9.13 12.60
N ILE A 25 -3.63 -9.34 12.95
CA ILE A 25 -4.17 -9.09 14.30
C ILE A 25 -3.33 -9.80 15.36
N ARG A 26 -3.08 -11.10 15.12
CA ARG A 26 -2.33 -11.94 16.05
C ARG A 26 -1.02 -11.29 16.52
N VAL A 27 -0.05 -11.18 15.62
CA VAL A 27 1.27 -10.64 15.95
C VAL A 27 1.23 -9.19 16.43
N LEU A 28 0.08 -8.55 16.27
CA LEU A 28 -0.11 -7.20 16.79
C LEU A 28 -0.56 -7.20 18.26
N GLU A 29 -1.50 -8.10 18.61
CA GLU A 29 -2.01 -8.21 19.99
C GLU A 29 -0.89 -8.57 20.99
N ALA A 30 0.12 -9.28 20.46
CA ALA A 30 1.36 -9.58 21.16
C ALA A 30 2.06 -8.30 21.67
N ALA A 31 2.41 -7.39 20.76
CA ALA A 31 3.01 -6.11 21.13
C ALA A 31 2.08 -5.26 22.01
N ALA A 32 0.79 -5.25 21.68
CA ALA A 32 -0.25 -4.52 22.43
C ALA A 32 -0.13 -4.81 23.92
N LEU A 33 -0.35 -6.07 24.27
CA LEU A 33 -0.18 -6.53 25.63
C LEU A 33 1.25 -6.28 26.09
N LYS A 34 2.22 -6.58 25.22
CA LYS A 34 3.65 -6.45 25.52
C LYS A 34 4.14 -5.03 25.79
N HIS A 35 3.42 -4.01 25.28
CA HIS A 35 3.88 -2.62 25.45
C HIS A 35 2.83 -1.65 26.05
N GLY A 36 1.70 -2.19 26.49
CA GLY A 36 0.62 -1.39 27.09
C GLY A 36 0.01 -0.42 26.09
N LEU A 37 -0.53 -0.98 25.00
CA LEU A 37 -1.03 -0.19 23.86
C LEU A 37 -2.54 -0.38 23.68
N ALA A 38 -3.26 0.73 23.62
CA ALA A 38 -4.73 0.76 23.60
C ALA A 38 -5.36 0.24 22.29
N LEU A 39 -5.20 -1.06 22.02
CA LEU A 39 -5.71 -1.66 20.78
C LEU A 39 -6.98 -2.47 21.00
N GLU A 40 -8.13 -1.87 20.64
CA GLU A 40 -9.44 -2.47 20.87
C GLU A 40 -10.16 -2.84 19.55
N PHE A 41 -9.75 -3.95 18.93
CA PHE A 41 -10.18 -4.36 17.58
C PHE A 41 -11.68 -4.60 17.39
N ASP A 42 -12.07 -4.67 16.12
CA ASP A 42 -13.43 -5.00 15.70
C ASP A 42 -13.40 -5.54 14.28
N THR A 43 -14.41 -6.31 13.90
CA THR A 43 -14.45 -6.89 12.57
C THR A 43 -15.77 -6.55 11.87
N PHE A 44 -15.70 -6.26 10.57
CA PHE A 44 -16.87 -5.87 9.79
C PHE A 44 -17.00 -6.76 8.58
N GLU A 45 -18.19 -7.31 8.37
CA GLU A 45 -18.50 -8.21 7.24
C GLU A 45 -18.41 -7.53 5.87
N TRP A 46 -18.85 -6.26 5.79
CA TRP A 46 -18.94 -5.57 4.49
C TRP A 46 -17.58 -5.21 3.87
N ALA A 47 -17.65 -4.56 2.70
CA ALA A 47 -16.52 -4.45 1.76
C ALA A 47 -16.07 -5.85 1.34
N SER A 48 -17.04 -6.62 0.88
CA SER A 48 -16.80 -7.98 0.38
C SER A 48 -17.80 -8.27 -0.72
N CYS A 49 -17.54 -9.33 -1.47
CA CYS A 49 -18.43 -9.75 -2.55
C CYS A 49 -19.56 -10.63 -2.04
N ASP A 50 -19.44 -11.11 -0.80
CA ASP A 50 -20.54 -11.81 -0.14
C ASP A 50 -21.60 -10.78 0.19
N TYR A 51 -21.17 -9.70 0.85
CA TYR A 51 -22.02 -8.58 1.18
C TYR A 51 -22.70 -7.98 -0.08
N TYR A 52 -21.93 -7.84 -1.15
CA TYR A 52 -22.46 -7.29 -2.38
C TYR A 52 -23.50 -8.22 -3.02
N LEU A 53 -23.21 -9.50 -3.02
CA LEU A 53 -24.17 -10.46 -3.56
C LEU A 53 -25.47 -10.35 -2.78
N GLN A 54 -25.32 -10.27 -1.46
CA GLN A 54 -26.45 -10.23 -0.55
C GLN A 54 -27.21 -8.90 -0.61
N HIS A 55 -26.50 -7.78 -0.62
CA HIS A 55 -27.17 -6.48 -0.44
C HIS A 55 -27.32 -5.62 -1.71
N GLY A 56 -26.60 -5.96 -2.77
CA GLY A 56 -26.62 -5.19 -4.00
C GLY A 56 -25.57 -4.08 -4.02
N LYS A 57 -25.04 -3.75 -2.85
CA LYS A 57 -24.02 -2.72 -2.69
C LYS A 57 -22.87 -3.23 -1.82
N MET A 58 -21.65 -2.77 -2.10
CA MET A 58 -20.41 -3.28 -1.46
C MET A 58 -20.34 -3.07 0.04
N MET A 59 -21.02 -2.01 0.50
CA MET A 59 -21.13 -1.64 1.92
C MET A 59 -22.44 -0.89 2.22
N PRO A 60 -22.81 -0.75 3.52
CA PRO A 60 -24.03 -0.05 3.90
C PRO A 60 -23.85 1.43 3.68
N ASP A 61 -24.96 2.15 3.47
CA ASP A 61 -24.94 3.56 3.11
C ASP A 61 -24.29 4.45 4.18
N ASP A 62 -24.31 3.96 5.41
CA ASP A 62 -23.80 4.70 6.57
C ASP A 62 -22.43 4.20 7.02
N TRP A 63 -21.64 3.67 6.10
CA TRP A 63 -20.31 3.11 6.42
C TRP A 63 -19.39 4.15 7.04
N ALA A 64 -19.53 5.39 6.56
CA ALA A 64 -18.55 6.43 6.83
C ALA A 64 -18.73 6.99 8.24
N GLU A 65 -19.96 7.41 8.52
CA GLU A 65 -20.33 7.90 9.85
C GLU A 65 -19.95 6.84 10.87
N GLN A 66 -20.10 5.58 10.45
CA GLN A 66 -19.67 4.46 11.23
C GLN A 66 -18.17 4.55 11.46
N LEU A 67 -17.41 4.46 10.38
CA LEU A 67 -15.95 4.41 10.44
C LEU A 67 -15.32 5.67 11.03
N LYS A 68 -15.92 6.83 10.75
CA LYS A 68 -15.41 8.11 11.24
C LYS A 68 -15.17 8.08 12.75
N GLN A 69 -15.86 7.16 13.40
CA GLN A 69 -15.82 6.98 14.85
C GLN A 69 -14.73 5.98 15.30
N TYR A 70 -13.74 5.76 14.42
CA TYR A 70 -12.61 4.86 14.68
C TYR A 70 -11.31 5.54 14.35
N ASP A 71 -10.20 5.01 14.86
CA ASP A 71 -8.91 5.66 14.70
C ASP A 71 -8.19 5.25 13.42
N ALA A 72 -8.23 3.96 13.10
CA ALA A 72 -7.55 3.46 11.89
C ALA A 72 -8.24 2.28 11.25
N ILE A 73 -7.93 2.02 9.98
CA ILE A 73 -8.46 0.85 9.31
C ILE A 73 -7.37 -0.16 8.99
N TYR A 74 -7.62 -1.41 9.37
CA TYR A 74 -6.77 -2.54 9.00
C TYR A 74 -7.55 -3.32 7.95
N PHE A 75 -7.13 -3.15 6.70
CA PHE A 75 -7.87 -3.65 5.56
C PHE A 75 -7.20 -4.86 4.94
N GLY A 76 -8.00 -5.77 4.41
CA GLY A 76 -7.51 -6.98 3.79
C GLY A 76 -7.19 -6.73 2.33
N ALA A 77 -8.17 -7.00 1.48
CA ALA A 77 -8.09 -6.78 0.04
C ALA A 77 -9.51 -6.89 -0.46
N VAL A 78 -9.76 -6.39 -1.67
CA VAL A 78 -11.11 -6.48 -2.24
C VAL A 78 -11.10 -6.91 -3.72
N GLY A 79 -11.98 -7.83 -4.08
CA GLY A 79 -12.10 -8.30 -5.48
C GLY A 79 -12.39 -9.79 -5.67
N TRP A 80 -13.37 -10.09 -6.50
CA TRP A 80 -13.70 -11.47 -6.82
C TRP A 80 -14.43 -11.54 -8.16
N PRO A 81 -13.66 -11.56 -9.28
CA PRO A 81 -14.17 -11.34 -10.64
C PRO A 81 -15.13 -12.46 -11.04
N ASP A 82 -14.94 -13.60 -10.41
CA ASP A 82 -15.84 -14.73 -10.52
C ASP A 82 -17.28 -14.27 -10.30
N LYS A 83 -17.49 -13.39 -9.31
CA LYS A 83 -18.83 -13.01 -8.94
C LYS A 83 -19.17 -11.52 -9.01
N VAL A 84 -18.15 -10.66 -8.89
CA VAL A 84 -18.33 -9.20 -8.96
C VAL A 84 -17.28 -8.53 -9.86
N PRO A 85 -17.76 -7.75 -10.88
CA PRO A 85 -16.87 -6.99 -11.79
C PRO A 85 -15.89 -6.16 -10.99
N ASP A 86 -14.63 -6.17 -11.41
CA ASP A 86 -13.56 -5.59 -10.63
C ASP A 86 -13.70 -4.11 -10.30
N HIS A 87 -14.13 -3.30 -11.26
CA HIS A 87 -14.37 -1.88 -11.02
C HIS A 87 -15.47 -1.67 -9.98
N ILE A 88 -16.63 -2.30 -10.18
CA ILE A 88 -17.71 -2.24 -9.20
C ILE A 88 -17.20 -2.43 -7.74
N SER A 89 -16.34 -3.42 -7.54
CA SER A 89 -15.90 -3.82 -6.22
C SER A 89 -14.84 -2.90 -5.61
N LEU A 90 -13.87 -2.50 -6.40
CA LEU A 90 -12.90 -1.50 -5.97
C LEU A 90 -13.43 -0.12 -5.76
N TRP A 91 -14.17 0.37 -6.71
CA TRP A 91 -14.86 1.64 -6.57
C TRP A 91 -15.91 1.75 -5.47
N GLY A 92 -16.54 0.61 -5.14
CA GLY A 92 -17.66 0.59 -4.23
C GLY A 92 -17.24 0.48 -2.78
N SER A 93 -15.95 0.25 -2.55
CA SER A 93 -15.44 -0.03 -1.20
C SER A 93 -14.13 0.68 -0.96
N LEU A 94 -13.02 0.03 -1.27
CA LEU A 94 -11.71 0.57 -0.95
C LEU A 94 -11.52 1.93 -1.59
N LEU A 95 -11.91 2.06 -2.86
CA LEU A 95 -11.75 3.34 -3.54
C LEU A 95 -12.48 4.50 -2.87
N LYS A 96 -13.68 4.21 -2.36
CA LYS A 96 -14.44 5.17 -1.58
C LYS A 96 -13.76 5.48 -0.23
N PHE A 97 -13.13 4.46 0.38
CA PHE A 97 -12.31 4.66 1.58
C PHE A 97 -11.25 5.72 1.31
N ARG A 98 -10.24 5.38 0.50
CA ARG A 98 -9.15 6.31 0.18
C ARG A 98 -9.67 7.69 -0.27
N ARG A 99 -10.82 7.69 -0.94
CA ARG A 99 -11.35 8.88 -1.59
C ARG A 99 -12.05 9.76 -0.57
N GLU A 100 -13.15 9.27 -0.01
CA GLU A 100 -13.96 10.01 0.96
C GLU A 100 -13.32 10.16 2.36
N PHE A 101 -12.04 9.79 2.50
CA PHE A 101 -11.36 9.90 3.79
C PHE A 101 -10.08 10.68 3.54
N ASP A 102 -9.97 11.19 2.32
CA ASP A 102 -8.87 12.05 1.93
C ASP A 102 -7.50 11.48 2.26
N GLN A 103 -7.34 10.17 2.04
CA GLN A 103 -6.07 9.48 2.25
C GLN A 103 -5.22 9.53 0.98
N TYR A 104 -4.67 10.71 0.71
CA TYR A 104 -4.11 11.03 -0.60
C TYR A 104 -2.70 10.50 -0.83
N VAL A 105 -2.02 10.12 0.25
CA VAL A 105 -0.72 9.47 0.13
C VAL A 105 -0.90 7.97 0.19
N ASN A 106 -0.25 7.29 -0.75
CA ASN A 106 -0.14 5.83 -0.71
C ASN A 106 1.31 5.42 -0.83
N ILE A 107 1.90 4.99 0.27
CA ILE A 107 3.33 4.68 0.29
C ILE A 107 3.63 3.19 0.29
N ARG A 108 4.70 2.82 -0.40
CA ARG A 108 5.08 1.43 -0.52
C ARG A 108 6.59 1.31 -0.35
N PRO A 109 7.08 1.14 0.91
CA PRO A 109 8.51 0.95 1.16
C PRO A 109 9.02 -0.34 0.51
N VAL A 110 10.12 -0.22 -0.22
CA VAL A 110 10.67 -1.34 -0.97
C VAL A 110 12.06 -1.65 -0.43
N ARG A 111 12.27 -2.92 -0.10
CA ARG A 111 13.51 -3.34 0.56
C ARG A 111 13.84 -4.81 0.34
N LEU A 112 15.13 -5.14 0.36
CA LEU A 112 15.63 -6.53 0.51
C LEU A 112 15.91 -6.81 1.99
N PHE A 113 15.15 -7.75 2.56
CA PHE A 113 15.39 -8.16 3.93
C PHE A 113 16.41 -9.28 4.00
N PRO A 114 17.45 -9.09 4.83
CA PRO A 114 18.53 -10.05 5.00
C PRO A 114 18.18 -11.46 4.53
N GLY A 115 18.76 -11.85 3.39
CA GLY A 115 18.62 -13.21 2.86
C GLY A 115 17.42 -13.52 1.99
N VAL A 116 16.62 -12.51 1.65
CA VAL A 116 15.52 -12.67 0.69
C VAL A 116 16.12 -13.05 -0.68
N PRO A 117 15.50 -14.03 -1.39
CA PRO A 117 15.92 -14.38 -2.75
C PRO A 117 15.99 -13.14 -3.66
N CYS A 118 16.81 -13.18 -4.70
CA CYS A 118 16.99 -12.01 -5.58
C CYS A 118 16.68 -12.23 -7.06
N ALA A 119 15.50 -11.75 -7.50
CA ALA A 119 15.11 -11.72 -8.93
C ALA A 119 15.80 -10.56 -9.66
N LEU A 120 16.96 -10.21 -9.12
CA LEU A 120 17.97 -9.33 -9.71
C LEU A 120 19.34 -10.01 -9.45
N ALA A 121 20.33 -9.79 -10.32
CA ALA A 121 21.65 -10.42 -10.20
C ALA A 121 22.54 -9.82 -9.10
N ASN A 122 23.15 -10.72 -8.32
CA ASN A 122 24.23 -10.46 -7.30
C ASN A 122 24.45 -9.11 -6.56
N ARG A 123 23.37 -8.40 -6.25
CA ARG A 123 23.48 -7.14 -5.50
C ARG A 123 23.84 -7.41 -4.03
N LYS A 124 24.68 -6.55 -3.45
CA LYS A 124 24.86 -6.54 -2.01
C LYS A 124 23.46 -6.57 -1.38
N VAL A 125 23.28 -7.42 -0.38
CA VAL A 125 21.99 -7.59 0.31
C VAL A 125 21.75 -6.47 1.34
N GLY A 126 20.62 -5.76 1.21
CA GLY A 126 20.31 -4.59 2.05
C GLY A 126 20.73 -3.28 1.38
N ASP A 127 21.46 -3.40 0.28
CA ASP A 127 21.88 -2.30 -0.58
C ASP A 127 20.68 -1.76 -1.38
N ILE A 128 19.48 -2.14 -0.94
CA ILE A 128 18.24 -1.74 -1.59
C ILE A 128 17.32 -1.21 -0.52
N ASP A 129 16.86 0.03 -0.68
CA ASP A 129 15.96 0.66 0.27
C ASP A 129 15.38 1.98 -0.27
N PHE A 130 14.07 1.98 -0.46
CA PHE A 130 13.33 3.22 -0.76
C PHE A 130 11.82 3.06 -0.57
N VAL A 131 11.15 4.20 -0.61
CA VAL A 131 9.71 4.27 -0.45
C VAL A 131 9.10 4.85 -1.73
N VAL A 132 7.86 4.45 -2.00
CA VAL A 132 7.14 4.91 -3.19
C VAL A 132 5.88 5.66 -2.78
N VAL A 133 5.79 6.91 -3.25
CA VAL A 133 4.77 7.89 -2.85
C VAL A 133 3.69 8.05 -3.92
N ARG A 134 2.51 7.48 -3.68
CA ARG A 134 1.52 7.33 -4.73
C ARG A 134 0.29 8.20 -4.48
N GLU A 135 -0.06 9.01 -5.48
CA GLU A 135 -1.23 9.87 -5.43
C GLU A 135 -2.43 8.98 -5.41
N ASN A 136 -3.35 9.26 -4.50
CA ASN A 136 -4.39 8.32 -4.15
C ASN A 136 -5.79 8.90 -4.19
N THR A 137 -5.98 10.05 -4.81
CA THR A 137 -7.31 10.67 -4.82
C THR A 137 -7.84 10.90 -6.23
N GLU A 138 -6.93 11.21 -7.15
CA GLU A 138 -7.29 11.61 -8.49
C GLU A 138 -6.37 10.92 -9.47
N GLY A 139 -5.99 11.66 -10.52
CA GLY A 139 -5.10 11.16 -11.55
C GLY A 139 -5.83 10.31 -12.53
N GLU A 140 -5.23 9.18 -12.90
CA GLU A 140 -5.75 8.35 -13.96
C GLU A 140 -6.79 7.36 -13.49
N TYR A 141 -7.22 7.47 -12.24
CA TYR A 141 -8.25 6.58 -11.73
C TYR A 141 -9.56 7.34 -11.72
N SER A 142 -10.37 7.10 -12.75
CA SER A 142 -11.61 7.89 -12.92
C SER A 142 -12.88 7.10 -13.21
N SER A 143 -14.00 7.77 -13.04
CA SER A 143 -15.29 7.25 -13.41
C SER A 143 -15.89 8.19 -14.47
N LEU A 144 -15.05 9.12 -14.93
CA LEU A 144 -15.49 10.15 -15.85
C LEU A 144 -15.25 9.72 -17.29
N GLY A 145 -16.24 10.02 -18.13
CA GLY A 145 -16.28 9.54 -19.50
C GLY A 145 -17.52 8.67 -19.76
N GLY A 146 -17.44 7.82 -20.78
CA GLY A 146 -18.52 6.93 -21.11
C GLY A 146 -18.42 6.47 -22.55
N ILE A 147 -19.44 5.70 -22.97
CA ILE A 147 -19.52 5.11 -24.30
C ILE A 147 -20.50 5.85 -25.22
N MET A 148 -20.03 6.11 -26.43
CA MET A 148 -20.83 6.81 -27.43
C MET A 148 -20.96 5.93 -28.70
N PHE A 149 -22.12 6.04 -29.37
CA PHE A 149 -22.47 5.21 -30.53
C PHE A 149 -22.46 3.75 -30.19
N GLU A 150 -23.01 3.41 -29.03
CA GLU A 150 -22.85 2.06 -28.50
C GLU A 150 -23.30 0.99 -29.49
N ASN A 151 -22.54 -0.10 -29.50
CA ASN A 151 -22.78 -1.30 -30.31
C ASN A 151 -22.65 -1.14 -31.83
N THR A 152 -22.04 -0.04 -32.27
CA THR A 152 -21.89 0.21 -33.71
C THR A 152 -20.44 0.31 -34.15
N GLU A 153 -20.22 0.02 -35.43
CA GLU A 153 -18.94 0.19 -36.10
C GLU A 153 -18.15 1.39 -35.55
N ASN A 154 -18.87 2.47 -35.23
CA ASN A 154 -18.28 3.73 -34.76
C ASN A 154 -18.11 3.89 -33.25
N GLU A 155 -18.26 2.80 -32.49
CA GLU A 155 -18.18 2.82 -31.04
C GLU A 155 -16.97 3.61 -30.51
N ILE A 156 -17.23 4.60 -29.66
CA ILE A 156 -16.13 5.32 -28.98
C ILE A 156 -16.26 5.26 -27.46
N VAL A 157 -15.11 5.24 -26.79
CA VAL A 157 -15.03 5.11 -25.34
C VAL A 157 -14.13 6.20 -24.75
N ILE A 158 -14.71 7.08 -23.91
CA ILE A 158 -13.94 8.16 -23.29
C ILE A 158 -13.61 7.93 -21.83
N GLN A 159 -12.35 8.18 -21.46
CA GLN A 159 -11.93 8.19 -20.05
C GLN A 159 -11.14 9.46 -19.71
N GLU A 160 -11.65 10.27 -18.79
CA GLU A 160 -10.92 11.46 -18.36
C GLU A 160 -9.90 11.18 -17.25
N SER A 161 -8.66 11.61 -17.46
CA SER A 161 -7.72 11.81 -16.35
C SER A 161 -7.89 13.25 -15.88
N ILE A 162 -7.96 13.43 -14.57
CA ILE A 162 -8.07 14.76 -13.96
C ILE A 162 -6.94 14.99 -12.98
N PHE A 163 -6.10 15.98 -13.27
CA PHE A 163 -5.07 16.42 -12.35
C PHE A 163 -5.49 17.80 -11.87
N THR A 164 -5.37 18.03 -10.56
CA THR A 164 -5.68 19.33 -9.97
C THR A 164 -4.45 19.86 -9.24
N ARG A 165 -4.44 21.17 -9.07
CA ARG A 165 -3.40 21.83 -8.31
C ARG A 165 -3.31 21.36 -6.88
N ARG A 166 -4.44 21.04 -6.27
CA ARG A 166 -4.43 20.54 -4.89
C ARG A 166 -3.78 19.14 -4.76
N GLY A 167 -4.39 18.13 -5.36
CA GLY A 167 -3.91 16.75 -5.21
C GLY A 167 -2.45 16.59 -5.60
N VAL A 168 -2.05 17.29 -6.66
CA VAL A 168 -0.70 17.23 -7.17
C VAL A 168 0.25 17.94 -6.21
N ASP A 169 0.01 19.24 -5.98
CA ASP A 169 0.81 19.99 -5.03
C ASP A 169 1.01 19.19 -3.74
N ARG A 170 -0.10 18.71 -3.15
CA ARG A 170 -0.04 18.08 -1.84
C ARG A 170 0.71 16.77 -1.81
N ILE A 171 0.55 15.93 -2.84
CA ILE A 171 1.35 14.71 -2.94
C ILE A 171 2.79 15.04 -3.32
N LEU A 172 3.03 16.15 -4.00
CA LEU A 172 4.40 16.47 -4.35
C LEU A 172 5.14 17.00 -3.14
N LYS A 173 4.42 17.73 -2.29
CA LYS A 173 4.97 18.23 -1.03
C LYS A 173 5.42 17.04 -0.19
N TYR A 174 4.44 16.23 0.20
CA TYR A 174 4.63 15.00 0.95
C TYR A 174 5.65 14.05 0.32
N ALA A 175 6.71 14.58 -0.28
CA ALA A 175 7.68 13.74 -0.97
C ALA A 175 8.99 14.49 -1.02
N PHE A 176 8.88 15.82 -0.95
CA PHE A 176 10.02 16.64 -0.65
C PHE A 176 10.10 16.76 0.87
N ASP A 177 9.50 15.76 1.54
CA ASP A 177 9.44 15.71 2.99
C ASP A 177 9.94 14.37 3.46
N LEU A 178 9.40 13.29 2.92
CA LEU A 178 9.94 11.97 3.21
C LEU A 178 11.36 11.81 2.67
N ALA A 179 11.84 12.84 1.95
CA ALA A 179 13.23 12.91 1.55
C ALA A 179 13.95 13.97 2.38
N GLU A 180 13.25 15.06 2.74
CA GLU A 180 13.78 16.06 3.68
C GLU A 180 14.21 15.39 4.99
N LYS A 181 13.83 14.13 5.15
CA LYS A 181 14.11 13.35 6.36
C LYS A 181 14.86 12.04 6.06
N ARG A 182 15.98 12.11 5.33
CA ARG A 182 16.74 10.88 5.02
C ARG A 182 18.21 11.08 4.65
N GLU A 183 18.91 9.95 4.56
CA GLU A 183 20.34 9.92 4.27
C GLU A 183 20.66 10.49 2.89
N ARG A 184 19.88 10.09 1.89
CA ARG A 184 20.10 10.50 0.48
C ARG A 184 19.33 11.79 0.08
N LYS A 185 18.10 11.93 0.58
CA LYS A 185 17.23 13.06 0.23
C LYS A 185 17.05 13.24 -1.29
N HIS A 186 16.93 12.14 -2.03
CA HIS A 186 16.75 12.19 -3.49
C HIS A 186 15.34 11.82 -3.90
N VAL A 187 14.86 12.48 -4.94
CA VAL A 187 13.50 12.29 -5.44
C VAL A 187 13.52 11.98 -6.93
N THR A 188 12.82 10.93 -7.31
CA THR A 188 12.54 10.73 -8.70
C THR A 188 11.06 10.86 -8.88
N SER A 189 10.65 11.88 -9.61
CA SER A 189 9.27 12.01 -10.04
C SER A 189 9.08 11.13 -11.27
N ALA A 190 8.01 10.35 -11.27
CA ALA A 190 7.63 9.60 -12.46
C ALA A 190 6.75 10.45 -13.39
N THR A 191 7.03 10.33 -14.69
CA THR A 191 6.25 11.02 -15.70
C THR A 191 6.20 10.23 -17.00
N LYS A 192 5.41 10.70 -17.95
CA LYS A 192 5.45 10.21 -19.33
C LYS A 192 5.12 11.40 -20.21
N SER A 193 5.86 12.48 -20.00
CA SER A 193 5.59 13.77 -20.61
C SER A 193 5.97 13.84 -22.08
N ASN A 194 6.18 12.69 -22.70
CA ASN A 194 6.28 12.64 -24.14
C ASN A 194 5.03 12.00 -24.75
N GLY A 195 4.52 10.96 -24.09
CA GLY A 195 3.25 10.32 -24.45
C GLY A 195 2.05 11.20 -24.15
N MET A 196 1.73 11.35 -22.87
CA MET A 196 0.66 12.23 -22.42
C MET A 196 1.14 13.64 -22.67
N ALA A 197 0.39 14.42 -23.45
CA ALA A 197 0.88 15.73 -23.87
C ALA A 197 0.28 16.85 -23.07
N ILE A 198 -0.68 16.53 -22.21
CA ILE A 198 -1.32 17.56 -21.39
C ILE A 198 -1.11 17.32 -19.90
N SER A 199 -1.44 16.12 -19.43
CA SER A 199 -1.26 15.79 -18.03
C SER A 199 0.19 15.77 -17.56
N MET A 200 1.06 15.01 -18.23
CA MET A 200 2.41 14.86 -17.69
C MET A 200 3.28 16.13 -17.70
N PRO A 201 3.31 16.87 -18.81
CA PRO A 201 4.01 18.15 -18.80
C PRO A 201 3.57 19.05 -17.63
N TYR A 202 2.28 18.99 -17.28
CA TYR A 202 1.76 19.78 -16.18
C TYR A 202 2.34 19.28 -14.88
N TRP A 203 2.17 17.98 -14.64
CA TRP A 203 2.79 17.30 -13.52
C TRP A 203 4.25 17.77 -13.37
N ASP A 204 5.03 17.66 -14.45
CA ASP A 204 6.40 18.17 -14.48
C ASP A 204 6.51 19.65 -14.16
N LYS A 205 5.58 20.46 -14.68
CA LYS A 205 5.55 21.89 -14.38
C LYS A 205 5.55 22.06 -12.85
N ARG A 206 4.66 21.33 -12.16
CA ARG A 206 4.51 21.40 -10.68
C ARG A 206 5.57 20.65 -9.90
N THR A 207 6.11 19.57 -10.47
CA THR A 207 7.28 18.88 -9.87
C THR A 207 8.34 19.95 -9.75
N GLU A 208 8.70 20.51 -10.90
CA GLU A 208 9.75 21.48 -11.06
C GLU A 208 9.55 22.66 -10.12
N ALA A 209 8.32 23.12 -10.06
CA ALA A 209 7.95 24.28 -9.26
C ALA A 209 8.28 24.06 -7.81
N MET A 210 8.08 22.84 -7.31
CA MET A 210 8.35 22.55 -5.89
C MET A 210 9.75 21.97 -5.56
N ALA A 211 10.58 21.80 -6.58
CA ALA A 211 12.02 21.63 -6.38
C ALA A 211 12.67 22.96 -5.92
N ALA A 212 12.08 24.08 -6.34
CA ALA A 212 12.50 25.40 -5.94
C ALA A 212 12.19 25.68 -4.46
N HIS A 213 11.48 24.77 -3.81
CA HIS A 213 11.14 24.96 -2.42
C HIS A 213 12.07 24.20 -1.46
N TYR A 214 12.73 23.16 -1.97
CA TYR A 214 13.58 22.36 -1.12
C TYR A 214 14.95 22.19 -1.78
N PRO A 215 15.74 23.28 -1.86
CA PRO A 215 16.92 23.34 -2.73
C PRO A 215 18.04 22.38 -2.34
N HIS A 216 18.02 21.94 -1.09
CA HIS A 216 18.96 20.93 -0.58
C HIS A 216 18.63 19.55 -1.10
N VAL A 217 17.32 19.27 -1.22
CA VAL A 217 16.83 17.99 -1.76
C VAL A 217 17.18 17.95 -3.24
N SER A 218 17.59 16.78 -3.70
CA SER A 218 18.02 16.58 -5.09
C SER A 218 16.96 15.77 -5.86
N TRP A 219 16.65 16.18 -7.10
CA TRP A 219 15.59 15.51 -7.87
C TRP A 219 15.91 15.30 -9.35
N ASP A 220 15.33 14.23 -9.88
CA ASP A 220 15.28 14.02 -11.33
C ASP A 220 13.88 13.55 -11.72
N LYS A 221 13.69 13.29 -13.01
CA LYS A 221 12.39 12.95 -13.51
C LYS A 221 12.60 11.96 -14.61
N GLN A 222 12.06 10.75 -14.42
CA GLN A 222 12.27 9.64 -15.35
C GLN A 222 10.97 9.11 -15.91
N HIS A 223 10.94 8.96 -17.23
CA HIS A 223 9.79 8.40 -17.92
C HIS A 223 9.47 6.99 -17.41
N ILE A 224 8.21 6.79 -17.01
CA ILE A 224 7.73 5.57 -16.37
C ILE A 224 8.22 4.23 -16.98
N ASP A 225 8.36 4.13 -18.30
CA ASP A 225 9.01 2.95 -18.87
C ASP A 225 10.42 2.75 -18.28
N ILE A 226 11.36 3.65 -18.57
CA ILE A 226 12.73 3.49 -18.09
C ILE A 226 12.78 3.31 -16.58
N LEU A 227 12.04 4.15 -15.86
CA LEU A 227 11.92 4.09 -14.42
C LEU A 227 11.61 2.68 -13.94
N CYS A 228 10.82 1.96 -14.72
CA CYS A 228 10.43 0.58 -14.40
C CYS A 228 11.60 -0.38 -14.49
N ALA A 229 12.39 -0.24 -15.55
CA ALA A 229 13.60 -1.01 -15.71
C ALA A 229 14.57 -0.60 -14.60
N ARG A 230 14.95 0.67 -14.58
CA ARG A 230 15.84 1.20 -13.55
C ARG A 230 15.38 0.72 -12.17
N PHE A 231 14.08 0.49 -12.03
CA PHE A 231 13.50 -0.04 -10.80
C PHE A 231 14.07 -1.42 -10.48
N VAL A 232 14.00 -2.32 -11.46
CA VAL A 232 14.53 -3.66 -11.28
C VAL A 232 16.05 -3.63 -11.24
N LEU A 233 16.65 -3.04 -12.28
CA LEU A 233 18.09 -3.19 -12.55
C LEU A 233 19.03 -2.32 -11.72
N GLN A 234 18.51 -1.27 -11.10
CA GLN A 234 19.36 -0.42 -10.25
C GLN A 234 18.62 0.25 -9.10
N PRO A 235 18.08 -0.56 -8.17
CA PRO A 235 17.25 -0.10 -7.03
C PRO A 235 18.02 0.64 -5.93
N GLU A 236 19.34 0.61 -5.99
CA GLU A 236 20.19 1.37 -5.09
C GLU A 236 20.06 2.89 -5.35
N ARG A 237 19.76 3.23 -6.60
CA ARG A 237 19.60 4.64 -7.00
C ARG A 237 18.49 5.35 -6.24
N PHE A 238 17.36 4.66 -6.08
CA PHE A 238 16.16 5.31 -5.64
C PHE A 238 16.10 5.50 -4.14
N ASP A 239 15.66 6.68 -3.75
CA ASP A 239 15.40 6.97 -2.37
C ASP A 239 13.92 7.20 -2.29
N VAL A 240 13.47 8.29 -2.90
CA VAL A 240 12.05 8.63 -2.97
C VAL A 240 11.55 8.58 -4.42
N VAL A 241 10.41 7.92 -4.64
CA VAL A 241 9.81 7.90 -5.97
C VAL A 241 8.33 8.30 -5.91
N VAL A 242 8.03 9.49 -6.43
CA VAL A 242 6.69 10.07 -6.38
C VAL A 242 5.89 9.89 -7.70
N ALA A 243 4.61 9.53 -7.57
CA ALA A 243 3.83 9.16 -8.73
C ALA A 243 2.30 9.31 -8.63
N SER A 244 1.68 9.46 -9.80
CA SER A 244 0.24 9.53 -10.03
C SER A 244 -0.44 8.19 -9.82
N ASN A 245 -1.72 8.20 -9.44
CA ASN A 245 -2.48 6.97 -9.14
C ASN A 245 -2.09 5.71 -9.93
N LEU A 246 -2.11 5.83 -11.24
CA LEU A 246 -1.72 4.74 -12.13
C LEU A 246 -0.25 4.34 -11.94
N PHE A 247 0.64 5.33 -11.97
CA PHE A 247 2.05 5.08 -11.71
C PHE A 247 2.23 4.78 -10.21
N GLY A 248 1.14 4.42 -9.54
CA GLY A 248 1.19 3.91 -8.18
C GLY A 248 0.87 2.43 -8.18
N ASP A 249 -0.42 2.07 -8.32
CA ASP A 249 -0.83 0.65 -8.33
C ASP A 249 -0.19 -0.10 -9.49
N ILE A 250 0.76 0.57 -10.18
CA ILE A 250 1.71 -0.05 -11.12
C ILE A 250 2.88 -0.51 -10.25
N LEU A 251 4.10 -0.04 -10.50
CA LEU A 251 5.25 -0.16 -9.57
C LEU A 251 5.02 -1.00 -8.30
N SER A 252 4.08 -0.58 -7.46
CA SER A 252 3.62 -1.35 -6.28
C SER A 252 3.74 -2.88 -6.38
N ASP A 253 3.45 -3.45 -7.53
CA ASP A 253 3.62 -4.88 -7.70
C ASP A 253 5.01 -5.22 -8.18
N LEU A 254 5.48 -4.49 -9.19
CA LEU A 254 6.82 -4.68 -9.71
C LEU A 254 7.84 -4.64 -8.58
N GLY A 255 7.90 -3.52 -7.86
CA GLY A 255 8.97 -3.21 -6.92
C GLY A 255 9.12 -4.13 -5.73
N PRO A 256 8.20 -4.06 -4.75
CA PRO A 256 8.13 -5.05 -3.69
C PRO A 256 8.30 -6.50 -4.19
N ALA A 257 8.12 -6.71 -5.50
CA ALA A 257 8.47 -7.97 -6.17
C ALA A 257 9.52 -7.83 -7.29
N CYS A 258 10.37 -6.79 -7.22
CA CYS A 258 11.43 -6.59 -8.22
C CYS A 258 12.39 -7.78 -8.18
N ALA A 259 12.88 -8.07 -6.97
CA ALA A 259 13.63 -9.30 -6.69
C ALA A 259 12.75 -10.24 -5.88
N GLY A 260 12.34 -9.77 -4.70
CA GLY A 260 11.55 -10.55 -3.75
C GLY A 260 10.16 -10.91 -4.24
N THR A 261 9.13 -10.30 -3.67
CA THR A 261 7.78 -10.78 -3.91
C THR A 261 6.68 -9.83 -3.40
N ILE A 262 5.46 -10.01 -3.91
CA ILE A 262 4.34 -9.18 -3.52
C ILE A 262 3.72 -9.63 -2.19
N GLY A 263 4.28 -10.71 -1.64
CA GLY A 263 3.82 -11.24 -0.36
C GLY A 263 4.41 -10.49 0.82
N ILE A 264 5.48 -9.75 0.57
CA ILE A 264 6.18 -8.99 1.61
C ILE A 264 6.13 -7.50 1.29
N ALA A 265 4.98 -7.06 0.78
CA ALA A 265 4.82 -5.70 0.27
C ALA A 265 3.81 -4.90 1.07
N PRO A 266 4.29 -4.01 1.96
CA PRO A 266 3.38 -3.16 2.73
C PRO A 266 2.95 -1.89 1.98
N SER A 267 1.79 -1.36 2.37
CA SER A 267 1.32 -0.09 1.85
C SER A 267 0.58 0.70 2.94
N ALA A 268 0.56 2.02 2.79
CA ALA A 268 -0.10 2.89 3.75
C ALA A 268 -0.91 3.95 3.03
N ASN A 269 -2.16 4.10 3.45
CA ASN A 269 -3.07 5.06 2.86
C ASN A 269 -3.37 6.15 3.88
N LEU A 270 -2.74 7.29 3.72
CA LEU A 270 -2.62 8.25 4.83
C LEU A 270 -3.42 9.56 4.72
N ASN A 271 -3.95 10.01 5.85
CA ASN A 271 -4.56 11.33 5.96
C ASN A 271 -3.82 12.14 7.02
N PRO A 272 -2.66 12.70 6.66
CA PRO A 272 -1.68 13.32 7.58
C PRO A 272 -2.28 14.28 8.62
N GLU A 273 -3.32 15.01 8.23
CA GLU A 273 -3.96 15.96 9.12
C GLU A 273 -4.94 15.25 10.05
N ARG A 274 -4.96 13.93 9.98
CA ARG A 274 -5.70 13.06 10.92
C ARG A 274 -7.22 13.34 11.01
N ASN A 275 -7.70 14.30 10.23
CA ASN A 275 -9.13 14.64 10.17
C ASN A 275 -10.03 13.44 9.86
N PHE A 276 -9.44 12.41 9.27
CA PHE A 276 -10.10 11.13 9.02
C PHE A 276 -9.14 10.05 9.49
N PRO A 277 -9.67 8.84 9.74
CA PRO A 277 -8.86 7.63 9.92
C PRO A 277 -7.99 7.34 8.70
N SER A 278 -6.74 6.92 8.92
CA SER A 278 -5.94 6.37 7.83
C SER A 278 -6.21 4.88 7.68
N LEU A 279 -5.94 4.34 6.49
CA LEU A 279 -6.13 2.92 6.23
C LEU A 279 -4.84 2.18 5.90
N PHE A 280 -4.74 0.96 6.42
CA PHE A 280 -3.54 0.14 6.34
C PHE A 280 -3.83 -1.21 5.72
N GLU A 281 -3.08 -1.52 4.68
CA GLU A 281 -3.33 -2.69 3.85
C GLU A 281 -2.03 -3.19 3.24
N PRO A 282 -1.98 -4.48 2.87
CA PRO A 282 -0.88 -4.97 2.06
C PRO A 282 -1.06 -4.51 0.62
N VAL A 283 0.00 -4.59 -0.17
CA VAL A 283 -0.05 -4.20 -1.57
C VAL A 283 -0.89 -5.16 -2.40
N HIS A 284 -0.89 -6.44 -2.04
CA HIS A 284 -1.56 -7.46 -2.86
C HIS A 284 -3.08 -7.40 -2.80
N GLY A 285 -3.70 -8.20 -3.65
CA GLY A 285 -5.16 -8.25 -3.78
C GLY A 285 -5.73 -9.53 -3.19
N SER A 286 -6.99 -9.83 -3.50
CA SER A 286 -7.70 -10.97 -2.92
C SER A 286 -7.18 -12.33 -3.40
N ALA A 287 -6.40 -12.33 -4.48
CA ALA A 287 -5.76 -13.53 -5.03
C ALA A 287 -6.66 -14.75 -5.01
N PRO A 288 -7.75 -14.73 -5.81
CA PRO A 288 -8.68 -15.86 -5.86
C PRO A 288 -7.98 -17.18 -6.15
N ASP A 289 -6.90 -17.11 -6.93
CA ASP A 289 -6.10 -18.29 -7.33
C ASP A 289 -5.52 -19.11 -6.17
N ILE A 290 -5.49 -18.55 -4.97
CA ILE A 290 -4.73 -19.08 -3.83
C ILE A 290 -5.59 -19.21 -2.57
N PHE A 291 -6.78 -18.66 -2.64
CA PHE A 291 -7.65 -18.54 -1.49
C PHE A 291 -8.06 -19.88 -0.92
N GLY A 292 -8.04 -19.97 0.41
CA GLY A 292 -8.47 -21.16 1.14
C GLY A 292 -7.45 -22.27 1.09
N LYS A 293 -6.20 -21.88 0.83
CA LYS A 293 -5.10 -22.83 0.81
C LYS A 293 -4.08 -22.41 1.84
N ASN A 294 -4.44 -21.36 2.58
CA ASN A 294 -3.63 -20.82 3.68
C ASN A 294 -2.15 -20.95 3.43
N ILE A 295 -1.73 -20.48 2.26
CA ILE A 295 -0.31 -20.49 1.85
C ILE A 295 0.14 -19.07 1.62
N ALA A 296 -0.83 -18.17 1.77
CA ALA A 296 -0.61 -16.78 1.46
C ALA A 296 0.23 -16.07 2.53
N ASN A 297 1.28 -15.42 2.03
CA ASN A 297 2.23 -14.67 2.79
C ASN A 297 1.55 -13.53 3.54
N PRO A 298 1.51 -13.59 4.88
CA PRO A 298 0.85 -12.55 5.66
C PRO A 298 1.79 -11.43 6.12
N ILE A 299 3.01 -11.42 5.59
CA ILE A 299 4.00 -10.42 5.97
C ILE A 299 3.50 -9.05 5.59
N ALA A 300 3.18 -8.88 4.32
CA ALA A 300 2.62 -7.64 3.79
C ALA A 300 1.53 -7.16 4.75
N MET A 301 0.63 -8.06 5.12
CA MET A 301 -0.47 -7.81 6.06
C MET A 301 0.02 -7.46 7.45
N ILE A 302 1.13 -8.07 7.85
CA ILE A 302 1.72 -7.78 9.14
C ILE A 302 2.46 -6.45 9.05
N TRP A 303 3.46 -6.39 8.17
CA TRP A 303 4.18 -5.17 7.90
C TRP A 303 3.24 -3.95 7.94
N SER A 304 2.02 -4.16 7.44
CA SER A 304 0.95 -3.15 7.42
C SER A 304 0.50 -2.68 8.79
N GLY A 305 0.23 -3.62 9.70
CA GLY A 305 -0.11 -3.28 11.09
C GLY A 305 1.03 -2.56 11.78
N ALA A 306 2.25 -3.01 11.51
CA ALA A 306 3.44 -2.36 12.02
C ALA A 306 3.41 -0.88 11.67
N LEU A 307 3.22 -0.60 10.38
CA LEU A 307 3.11 0.76 9.87
C LEU A 307 1.90 1.45 10.48
N MET A 308 0.82 0.69 10.71
CA MET A 308 -0.36 1.24 11.34
C MET A 308 0.04 1.78 12.69
N LEU A 309 0.88 1.01 13.39
CA LEU A 309 1.40 1.44 14.69
C LEU A 309 2.28 2.65 14.50
N GLU A 310 3.35 2.47 13.71
CA GLU A 310 4.34 3.52 13.46
C GLU A 310 3.71 4.88 13.24
N PHE A 311 2.72 4.94 12.35
CA PHE A 311 2.00 6.17 12.08
C PHE A 311 1.09 6.55 13.26
N LEU A 312 0.32 5.58 13.73
CA LEU A 312 -0.83 5.81 14.60
C LEU A 312 -0.47 6.47 15.93
N GLY A 313 0.61 6.00 16.53
CA GLY A 313 1.04 6.48 17.84
C GLY A 313 1.38 7.95 17.85
N GLN A 314 2.06 8.38 16.80
CA GLN A 314 2.66 9.72 16.66
C GLN A 314 3.50 10.02 17.90
N GLY A 315 2.93 10.82 18.81
CA GLY A 315 3.62 11.38 19.97
C GLY A 315 4.09 10.45 21.08
N ASP A 316 3.99 9.13 20.85
CA ASP A 316 4.57 8.14 21.76
C ASP A 316 5.87 7.57 21.14
N GLU A 317 6.91 7.49 21.97
CA GLU A 317 8.05 6.60 21.68
C GLU A 317 7.53 5.20 22.01
N ARG A 318 6.41 5.19 22.74
CA ARG A 318 5.72 3.99 23.25
C ARG A 318 5.32 3.03 22.13
N TYR A 319 4.50 3.53 21.21
CA TYR A 319 4.07 2.78 20.02
C TYR A 319 5.23 2.60 19.04
N GLN A 320 6.05 3.64 18.89
CA GLN A 320 7.21 3.56 18.00
C GLN A 320 7.98 2.27 18.26
N ARG A 321 8.34 2.06 19.53
CA ARG A 321 8.99 0.83 19.99
C ARG A 321 8.52 -0.40 19.22
N ALA A 322 7.22 -0.66 19.30
CA ALA A 322 6.57 -1.84 18.72
C ALA A 322 6.98 -2.11 17.28
N HIS A 323 7.02 -1.05 16.47
CA HIS A 323 7.31 -1.19 15.06
C HIS A 323 8.61 -1.96 14.89
N ASP A 324 9.71 -1.30 15.21
CA ASP A 324 11.05 -1.84 15.04
C ASP A 324 11.07 -3.31 15.45
N ASP A 325 10.55 -3.58 16.64
CA ASP A 325 10.36 -4.93 17.15
C ASP A 325 9.81 -5.83 16.05
N MET A 326 8.58 -5.54 15.64
CA MET A 326 7.83 -6.36 14.71
C MET A 326 8.56 -6.58 13.38
N LEU A 327 9.36 -5.60 12.99
CA LEU A 327 10.09 -5.68 11.72
C LEU A 327 11.32 -6.57 11.89
N ASN A 328 11.85 -6.56 13.11
CA ASN A 328 12.90 -7.48 13.46
C ASN A 328 12.30 -8.88 13.57
N ALA A 329 11.10 -8.96 14.14
CA ALA A 329 10.34 -10.21 14.15
C ALA A 329 10.20 -10.76 12.74
N ILE A 330 9.87 -9.87 11.79
CA ILE A 330 9.89 -10.18 10.37
C ILE A 330 11.30 -10.57 9.97
N GLU A 331 12.25 -9.67 10.20
CA GLU A 331 13.63 -9.85 9.76
C GLU A 331 14.22 -11.21 10.12
N ARG A 332 14.04 -11.64 11.37
CA ARG A 332 14.58 -12.93 11.80
C ARG A 332 13.96 -14.06 11.00
N VAL A 333 12.66 -14.27 11.16
CA VAL A 333 11.93 -15.34 10.46
C VAL A 333 12.31 -15.47 8.98
N ILE A 334 12.63 -14.34 8.35
CA ILE A 334 13.10 -14.30 6.96
C ILE A 334 14.34 -15.15 6.80
N ALA A 335 15.44 -14.72 7.45
CA ALA A 335 16.69 -15.46 7.43
C ALA A 335 16.59 -16.78 8.21
N ASP A 336 15.76 -16.79 9.26
CA ASP A 336 15.45 -18.02 10.02
C ASP A 336 14.79 -19.06 9.13
N GLY A 337 14.16 -18.58 8.06
CA GLY A 337 13.64 -19.43 6.99
C GLY A 337 12.25 -19.99 7.22
N SER A 338 11.50 -19.42 8.16
CA SER A 338 10.13 -19.86 8.45
C SER A 338 9.10 -19.11 7.59
N VAL A 339 9.14 -19.35 6.27
CA VAL A 339 8.43 -18.51 5.30
C VAL A 339 7.42 -19.29 4.45
N THR A 340 6.70 -18.59 3.59
CA THR A 340 5.69 -19.22 2.72
C THR A 340 6.25 -19.56 1.34
N PRO A 341 5.62 -20.52 0.64
CA PRO A 341 6.05 -21.08 -0.64
C PRO A 341 6.55 -20.08 -1.69
N ASP A 342 6.05 -18.85 -1.63
CA ASP A 342 6.44 -17.79 -2.57
C ASP A 342 7.73 -17.10 -2.12
N MET A 343 8.52 -17.79 -1.29
CA MET A 343 9.76 -17.25 -0.73
C MET A 343 10.74 -18.38 -0.44
N GLY A 344 10.22 -19.60 -0.49
CA GLY A 344 11.03 -20.81 -0.28
C GLY A 344 10.39 -21.84 0.63
N GLY A 345 9.76 -21.37 1.69
CA GLY A 345 9.25 -22.23 2.76
C GLY A 345 8.21 -23.25 2.35
N THR A 346 8.07 -24.30 3.15
CA THR A 346 7.06 -25.31 2.92
C THR A 346 5.89 -24.98 3.83
N LEU A 347 6.07 -23.97 4.67
CA LEU A 347 5.10 -23.56 5.70
C LEU A 347 3.75 -23.07 5.17
N SER A 348 2.78 -22.96 6.08
CA SER A 348 1.45 -22.45 5.79
C SER A 348 1.35 -20.99 6.22
N THR A 349 0.19 -20.39 5.99
CA THR A 349 -0.08 -19.00 6.35
C THR A 349 -0.03 -18.79 7.87
N GLN A 350 -0.69 -19.67 8.62
CA GLN A 350 -0.77 -19.58 10.09
C GLN A 350 0.55 -20.01 10.74
N GLN A 351 1.22 -20.94 10.07
CA GLN A 351 2.56 -21.38 10.44
C GLN A 351 3.47 -20.16 10.53
N VAL A 352 3.47 -19.38 9.45
CA VAL A 352 4.26 -18.16 9.32
C VAL A 352 3.73 -17.03 10.23
N GLY A 353 2.43 -17.10 10.53
CA GLY A 353 1.83 -16.25 11.56
C GLY A 353 2.38 -16.57 12.95
N ALA A 354 2.46 -17.87 13.26
CA ALA A 354 3.01 -18.37 14.52
C ALA A 354 4.54 -18.21 14.62
N ALA A 355 5.21 -18.28 13.47
CA ALA A 355 6.65 -18.07 13.40
C ALA A 355 7.04 -16.64 13.80
N ILE A 356 6.25 -15.66 13.36
CA ILE A 356 6.46 -14.28 13.80
C ILE A 356 6.06 -14.19 15.26
N SER A 357 4.96 -14.85 15.60
CA SER A 357 4.40 -14.84 16.95
C SER A 357 5.45 -15.11 18.01
N ASP A 358 6.46 -15.91 17.65
CA ASP A 358 7.56 -16.21 18.56
C ASP A 358 8.53 -15.03 18.71
N THR A 359 9.28 -14.74 17.64
CA THR A 359 10.45 -13.86 17.70
C THR A 359 10.22 -12.58 18.50
N LEU A 360 9.00 -12.06 18.43
CA LEU A 360 8.62 -10.82 19.12
C LEU A 360 8.95 -10.87 20.62
N ALA A 361 8.87 -12.06 21.21
CA ALA A 361 9.25 -12.26 22.60
C ALA A 361 10.76 -12.47 22.75
N ARG A 362 11.31 -13.41 21.98
CA ARG A 362 12.69 -13.91 22.17
C ARG A 362 13.82 -12.86 22.33
N LEU A 363 13.57 -11.62 21.92
CA LEU A 363 14.61 -10.58 21.97
C LEU A 363 14.30 -9.40 22.90
#